data_5SLR
#
_entry.id   5SLR
#
_cell.length_a   67.827
_cell.length_b   67.703
_cell.length_c   138.736
_cell.angle_alpha   90.000
_cell.angle_beta   90.000
_cell.angle_gamma   90.000
#
_symmetry.space_group_name_H-M   'P 21 21 21'
#
loop_
_entity.id
_entity.type
_entity.pdbx_description
1 polymer 'Proofreading exoribonuclease nsp14'
2 non-polymer 'ZINC ION'
3 non-polymer 'PHOSPHATE ION'
4 non-polymer 2-(difluoromethoxy)-1-[(2R,6S)-2,6-dimethylmorpholin-4-yl]ethan-1-one
5 water water
#
_entity_poly.entity_id   1
_entity_poly.type   'polypeptide(L)'
_entity_poly.pdbx_seq_one_letter_code
;SMLFKDCSKVITGLHPTQAPTHLSVDTKFKTEGLCVDIPGIPKDMTYRRLISMMGFKMNYQVNGYPNMFITREEAIRHVR
AWIGFDVEGCHATREAVGTNLPLQLGFSTGVNLVAVPTGYVDTPNNTDFSRVSAKPPPGDQFKHLIPLMYKGLPWNVVRI
KIVQMLSDTLKNLSDRVVFVLWAHGFELTSMKYFVKIGPERTCCLCDRRATCFSTASDTYACWHHSIGFDYVYNPFMIDV
QQWGFTGNLQSNHDLYCQVHGNAHVASCDAIMTRCLAVHECFVKRVDWTIEYPIIGDELKINAACRKVQHMVVKAALLAD
KFPVLHDIGNPKAIKCVPQADVEWKFYDAQPCSDKAYKIEELFYSYATHSDKFTDGVCLFWNCNVDRYPANSIVCRFDTR
VLSNLNLPGCDGGSLYVNKHAFHTPAFDKSAFVNLKQLPFFYYSDSPCESHGKQVVSDIDYVPLKSATCITRCNLGGAVC
RHHANEYRLYLDAYNMMISAGFSLWVYKQFDTYNLWNTFTRLQ
;
_entity_poly.pdbx_strand_id   D
#
loop_
_chem_comp.id
_chem_comp.type
_chem_comp.name
_chem_comp.formula
LO6 non-polymer 2-(difluoromethoxy)-1-[(2R,6S)-2,6-dimethylmorpholin-4-yl]ethan-1-one 'C9 H15 F2 N O3'
PO4 non-polymer 'PHOSPHATE ION' 'O4 P -3'
ZN non-polymer 'ZINC ION' 'Zn 2'
#
# COMPACT_ATOMS: atom_id res chain seq x y z
N PRO A 20 6.91 26.71 -7.01
CA PRO A 20 7.42 25.33 -7.08
C PRO A 20 6.72 24.38 -6.10
N THR A 21 5.38 24.47 -6.03
CA THR A 21 4.59 23.57 -5.20
C THR A 21 3.54 22.86 -6.05
N HIS A 22 2.75 23.64 -6.81
CA HIS A 22 1.73 23.06 -7.67
C HIS A 22 2.17 23.04 -9.14
N LEU A 23 1.41 22.40 -10.03
CA LEU A 23 1.73 22.35 -11.45
C LEU A 23 1.14 23.63 -12.05
N SER A 24 1.96 24.48 -12.70
CA SER A 24 1.44 25.71 -13.31
C SER A 24 0.43 25.36 -14.41
N VAL A 25 -0.71 26.08 -14.48
CA VAL A 25 -1.64 25.85 -15.58
C VAL A 25 -1.02 26.22 -16.92
N ASP A 26 0.06 27.05 -16.92
CA ASP A 26 0.71 27.47 -18.16
C ASP A 26 1.78 26.48 -18.65
N THR A 27 1.99 25.34 -17.93
CA THR A 27 2.89 24.26 -18.36
C THR A 27 2.30 23.65 -19.65
N LYS A 28 3.17 23.24 -20.57
CA LYS A 28 2.73 22.64 -21.82
C LYS A 28 2.25 21.21 -21.60
N PHE A 29 1.22 20.84 -22.36
CA PHE A 29 0.61 19.53 -22.34
C PHE A 29 0.80 18.94 -23.73
N LYS A 30 1.51 17.79 -23.85
CA LYS A 30 1.74 17.15 -25.15
C LYS A 30 0.43 16.49 -25.57
N THR A 31 -0.08 16.83 -26.75
CA THR A 31 -1.39 16.39 -27.19
C THR A 31 -1.43 15.27 -28.20
N GLU A 32 -0.29 14.69 -28.55
CA GLU A 32 -0.24 13.63 -29.56
C GLU A 32 -1.14 12.42 -29.21
N GLY A 33 -1.16 12.02 -27.95
CA GLY A 33 -2.01 10.92 -27.47
C GLY A 33 -3.50 11.19 -27.56
N LEU A 34 -3.88 12.46 -27.67
CA LEU A 34 -5.27 12.88 -27.75
C LEU A 34 -5.80 13.00 -29.17
N CYS A 35 -4.96 13.03 -30.19
CA CYS A 35 -5.39 13.36 -31.56
C CYS A 35 -6.18 12.27 -32.32
N VAL A 36 -6.32 11.04 -31.80
CA VAL A 36 -7.16 10.04 -32.51
C VAL A 36 -8.62 10.27 -32.08
N ASP A 37 -8.86 10.51 -30.77
CA ASP A 37 -10.18 10.87 -30.25
C ASP A 37 -10.53 12.33 -30.59
N ILE A 38 -9.51 13.22 -30.57
CA ILE A 38 -9.68 14.64 -30.86
C ILE A 38 -8.86 15.08 -32.09
N PRO A 39 -9.30 14.74 -33.31
CA PRO A 39 -8.54 15.14 -34.50
C PRO A 39 -8.48 16.67 -34.69
N GLY A 40 -7.30 17.16 -35.10
CA GLY A 40 -7.07 18.58 -35.34
C GLY A 40 -6.62 19.33 -34.09
N ILE A 41 -6.50 18.63 -32.93
CA ILE A 41 -6.12 19.25 -31.66
C ILE A 41 -4.78 19.97 -31.81
N PRO A 42 -4.66 21.21 -31.29
CA PRO A 42 -3.41 21.95 -31.46
C PRO A 42 -2.27 21.25 -30.73
N LYS A 43 -1.11 21.29 -31.34
CA LYS A 43 0.11 20.71 -30.79
C LYS A 43 0.58 21.56 -29.60
N ASP A 44 0.41 22.87 -29.69
CA ASP A 44 0.77 23.82 -28.68
C ASP A 44 -0.44 23.93 -27.80
N MET A 45 -0.30 23.48 -26.55
CA MET A 45 -1.41 23.42 -25.63
C MET A 45 -0.91 23.56 -24.19
N THR A 46 -1.61 24.31 -23.34
CA THR A 46 -1.26 24.42 -21.93
C THR A 46 -2.38 23.72 -21.12
N TYR A 47 -2.14 23.50 -19.81
CA TYR A 47 -3.16 22.93 -18.95
C TYR A 47 -4.39 23.89 -18.89
N ARG A 48 -4.14 25.22 -18.91
CA ARG A 48 -5.16 26.29 -18.92
C ARG A 48 -6.09 26.10 -20.12
N ARG A 49 -5.54 25.93 -21.33
CA ARG A 49 -6.38 25.75 -22.53
C ARG A 49 -7.07 24.38 -22.52
N LEU A 50 -6.36 23.32 -22.10
CA LEU A 50 -6.94 21.98 -22.00
C LEU A 50 -8.12 21.94 -21.01
N ILE A 51 -7.97 22.56 -19.83
CA ILE A 51 -9.04 22.59 -18.83
C ILE A 51 -10.30 23.30 -19.35
N SER A 52 -10.10 24.40 -20.10
CA SER A 52 -11.18 25.16 -20.73
C SER A 52 -11.91 24.29 -21.79
N MET A 53 -11.14 23.59 -22.62
CA MET A 53 -11.61 22.65 -23.66
C MET A 53 -12.47 21.53 -23.02
N MET A 54 -12.08 21.11 -21.81
CA MET A 54 -12.81 20.09 -21.06
C MET A 54 -14.17 20.60 -20.49
N GLY A 55 -14.45 21.91 -20.63
CA GLY A 55 -15.69 22.50 -20.15
C GLY A 55 -15.62 23.07 -18.75
N PHE A 56 -14.41 23.29 -18.21
CA PHE A 56 -14.26 23.82 -16.85
C PHE A 56 -13.78 25.26 -16.83
N LYS A 57 -14.50 26.13 -16.11
CA LYS A 57 -14.10 27.54 -16.00
C LYS A 57 -13.39 27.72 -14.66
N MET A 58 -12.17 28.27 -14.67
CA MET A 58 -11.41 28.44 -13.43
C MET A 58 -11.58 29.84 -12.78
N ASN A 59 -12.13 30.83 -13.54
CA ASN A 59 -12.43 32.20 -13.06
C ASN A 59 -11.29 32.96 -12.33
N TYR A 60 -10.00 32.60 -12.55
CA TYR A 60 -8.82 33.17 -11.86
C TYR A 60 -9.03 33.02 -10.33
N GLN A 61 -9.21 31.77 -9.90
CA GLN A 61 -9.50 31.49 -8.49
C GLN A 61 -8.25 31.12 -7.66
N VAL A 62 -7.97 31.93 -6.63
CA VAL A 62 -6.86 31.68 -5.69
C VAL A 62 -7.42 31.09 -4.40
N ASN A 63 -8.15 29.98 -4.53
CA ASN A 63 -8.80 29.36 -3.37
C ASN A 63 -8.45 27.88 -3.19
N GLY A 64 -7.15 27.56 -3.15
CA GLY A 64 -6.65 26.22 -2.91
C GLY A 64 -6.72 25.19 -4.03
N TYR A 65 -7.32 25.53 -5.17
CA TYR A 65 -7.41 24.58 -6.29
C TYR A 65 -6.82 25.26 -7.55
N PRO A 66 -5.48 25.38 -7.67
CA PRO A 66 -4.91 26.11 -8.81
C PRO A 66 -4.95 25.40 -10.16
N ASN A 67 -5.09 24.07 -10.14
CA ASN A 67 -5.09 23.24 -11.36
C ASN A 67 -5.76 21.87 -11.04
N MET A 68 -6.56 21.33 -11.98
CA MET A 68 -7.13 20.00 -11.82
C MET A 68 -5.99 18.93 -11.92
N PHE A 69 -4.92 19.24 -12.69
CA PHE A 69 -3.77 18.37 -12.91
C PHE A 69 -2.68 18.65 -11.91
N ILE A 70 -1.93 17.60 -11.53
CA ILE A 70 -0.89 17.73 -10.51
C ILE A 70 0.45 17.16 -10.98
N THR A 71 1.53 17.56 -10.31
CA THR A 71 2.86 17.07 -10.59
C THR A 71 3.02 15.61 -10.16
N ARG A 72 4.05 14.94 -10.68
CA ARG A 72 4.43 13.57 -10.32
C ARG A 72 4.75 13.53 -8.83
N GLU A 73 5.45 14.54 -8.31
CA GLU A 73 5.81 14.64 -6.89
C GLU A 73 4.55 14.73 -6.01
N GLU A 74 3.56 15.55 -6.40
CA GLU A 74 2.31 15.66 -5.65
C GLU A 74 1.52 14.36 -5.75
N ALA A 75 1.51 13.70 -6.92
CA ALA A 75 0.84 12.42 -7.08
C ALA A 75 1.44 11.34 -6.18
N ILE A 76 2.79 11.33 -6.02
CA ILE A 76 3.48 10.37 -5.13
C ILE A 76 3.05 10.60 -3.67
N ARG A 77 2.94 11.87 -3.25
CA ARG A 77 2.48 12.17 -1.90
C ARG A 77 1.03 11.75 -1.66
N HIS A 78 0.23 11.63 -2.73
CA HIS A 78 -1.18 11.26 -2.61
C HIS A 78 -1.47 9.94 -3.29
N VAL A 79 -0.51 8.99 -3.27
CA VAL A 79 -0.69 7.66 -3.87
C VAL A 79 -1.94 6.92 -3.33
N ARG A 80 -2.31 7.10 -2.03
CA ARG A 80 -3.52 6.45 -1.50
C ARG A 80 -4.80 6.91 -2.23
N ALA A 81 -4.77 8.10 -2.86
CA ALA A 81 -5.91 8.62 -3.61
C ALA A 81 -5.97 8.11 -5.06
N TRP A 82 -4.96 7.36 -5.55
CA TRP A 82 -4.90 7.01 -6.96
C TRP A 82 -5.99 6.05 -7.38
N ILE A 83 -6.71 6.42 -8.43
CA ILE A 83 -7.75 5.61 -9.06
C ILE A 83 -7.50 5.75 -10.53
N GLY A 84 -7.08 4.66 -11.14
CA GLY A 84 -6.87 4.63 -12.59
C GLY A 84 -8.22 4.76 -13.26
N PHE A 85 -8.27 5.56 -14.31
CA PHE A 85 -9.52 5.82 -14.98
C PHE A 85 -9.34 5.83 -16.49
N ASP A 86 -10.21 5.11 -17.17
CA ASP A 86 -10.16 5.02 -18.61
C ASP A 86 -11.56 5.07 -19.16
N VAL A 87 -11.72 5.65 -20.36
CA VAL A 87 -13.00 5.72 -21.04
C VAL A 87 -12.80 5.20 -22.46
N GLU A 88 -13.61 4.22 -22.85
CA GLU A 88 -13.53 3.65 -24.18
C GLU A 88 -14.86 3.88 -24.89
N GLY A 89 -14.78 4.27 -26.16
CA GLY A 89 -15.98 4.45 -26.96
C GLY A 89 -16.62 3.10 -27.23
N CYS A 90 -17.85 2.91 -26.75
CA CYS A 90 -18.57 1.66 -26.99
C CYS A 90 -19.01 1.61 -28.45
N HIS A 91 -19.54 2.75 -28.95
CA HIS A 91 -19.95 2.84 -30.35
C HIS A 91 -19.17 3.97 -31.05
N GLY A 98 -19.44 9.97 -27.20
CA GLY A 98 -19.17 11.03 -28.17
C GLY A 98 -20.44 11.73 -28.62
N THR A 99 -21.28 12.14 -27.62
CA THR A 99 -22.58 12.84 -27.77
C THR A 99 -23.67 11.89 -28.32
N ASN A 100 -23.31 11.02 -29.26
CA ASN A 100 -24.24 10.07 -29.87
C ASN A 100 -23.98 8.63 -29.43
N LEU A 101 -22.72 8.30 -29.07
CA LEU A 101 -22.36 6.94 -28.69
C LEU A 101 -22.23 6.71 -27.17
N PRO A 102 -22.56 5.49 -26.73
CA PRO A 102 -22.38 5.15 -25.31
C PRO A 102 -20.89 5.03 -24.96
N LEU A 103 -20.51 5.38 -23.73
CA LEU A 103 -19.13 5.30 -23.28
C LEU A 103 -18.97 4.26 -22.18
N GLN A 104 -17.89 3.49 -22.20
CA GLN A 104 -17.59 2.54 -21.14
C GLN A 104 -16.54 3.22 -20.26
N LEU A 105 -16.88 3.42 -18.99
CA LEU A 105 -16.07 4.10 -17.97
C LEU A 105 -15.48 3.01 -17.09
N GLY A 106 -14.17 2.89 -17.08
CA GLY A 106 -13.49 1.87 -16.30
C GLY A 106 -12.62 2.48 -15.24
N PHE A 107 -12.59 1.84 -14.07
CA PHE A 107 -11.84 2.31 -12.91
C PHE A 107 -10.90 1.21 -12.40
N SER A 108 -9.77 1.59 -11.74
CA SER A 108 -8.85 0.57 -11.23
C SER A 108 -9.46 -0.28 -10.05
N THR A 109 -10.67 0.05 -9.61
CA THR A 109 -11.44 -0.76 -8.66
C THR A 109 -12.02 -2.03 -9.39
N GLY A 110 -11.89 -2.10 -10.72
CA GLY A 110 -12.41 -3.20 -11.53
C GLY A 110 -13.80 -2.96 -12.08
N VAL A 111 -14.40 -1.81 -11.76
CA VAL A 111 -15.75 -1.46 -12.18
C VAL A 111 -15.81 -0.85 -13.59
N ASN A 112 -16.78 -1.32 -14.41
CA ASN A 112 -17.05 -0.77 -15.73
C ASN A 112 -18.49 -0.31 -15.75
N LEU A 113 -18.72 0.98 -15.95
CA LEU A 113 -20.06 1.55 -16.07
C LEU A 113 -20.28 2.00 -17.50
N VAL A 114 -21.45 1.73 -18.06
CA VAL A 114 -21.77 2.21 -19.40
C VAL A 114 -22.72 3.40 -19.26
N ALA A 115 -22.34 4.55 -19.85
CA ALA A 115 -23.15 5.76 -19.82
C ALA A 115 -23.75 6.01 -21.20
N VAL A 116 -25.08 6.16 -21.27
CA VAL A 116 -25.79 6.48 -22.51
C VAL A 116 -26.14 7.97 -22.50
N PRO A 117 -25.98 8.64 -23.64
CA PRO A 117 -26.22 10.09 -23.67
C PRO A 117 -27.68 10.52 -23.86
N THR A 118 -28.58 9.57 -24.17
CA THR A 118 -30.01 9.76 -24.43
C THR A 118 -30.66 11.00 -23.79
N PRO A 147 -13.49 -6.70 -12.75
CA PRO A 147 -14.06 -7.03 -14.07
C PRO A 147 -15.60 -6.95 -14.11
N LEU A 148 -16.21 -6.18 -13.19
CA LEU A 148 -17.67 -6.05 -13.12
C LEU A 148 -18.20 -5.18 -14.25
N MET A 149 -19.17 -5.70 -15.02
CA MET A 149 -19.72 -5.01 -16.19
C MET A 149 -21.18 -4.59 -16.02
N TYR A 150 -21.45 -3.28 -15.98
CA TYR A 150 -22.83 -2.79 -15.82
C TYR A 150 -23.45 -2.34 -17.15
N LYS A 151 -24.77 -2.56 -17.32
CA LYS A 151 -25.49 -2.17 -18.54
C LYS A 151 -25.71 -0.65 -18.64
N GLY A 152 -25.87 -0.16 -19.86
CA GLY A 152 -26.05 1.25 -20.19
C GLY A 152 -27.13 2.01 -19.46
N LEU A 153 -26.75 3.13 -18.85
CA LEU A 153 -27.66 3.96 -18.09
C LEU A 153 -27.32 5.42 -18.31
N PRO A 154 -28.30 6.34 -18.18
CA PRO A 154 -27.99 7.76 -18.37
C PRO A 154 -27.00 8.30 -17.33
N TRP A 155 -26.35 9.41 -17.65
CA TRP A 155 -25.38 10.06 -16.78
C TRP A 155 -25.88 10.46 -15.39
N ASN A 156 -27.16 10.86 -15.27
CA ASN A 156 -27.69 11.26 -13.97
C ASN A 156 -27.61 10.13 -12.94
N VAL A 157 -27.73 8.87 -13.37
CA VAL A 157 -27.62 7.75 -12.43
C VAL A 157 -26.16 7.21 -12.36
N VAL A 158 -25.43 7.27 -13.48
CA VAL A 158 -24.02 6.88 -13.52
C VAL A 158 -23.19 7.71 -12.51
N ARG A 159 -23.44 9.03 -12.44
CA ARG A 159 -22.71 9.89 -11.53
C ARG A 159 -22.93 9.52 -10.04
N ILE A 160 -24.14 9.04 -9.68
CA ILE A 160 -24.39 8.61 -8.29
C ILE A 160 -23.54 7.36 -7.97
N LYS A 161 -23.43 6.43 -8.92
CA LYS A 161 -22.61 5.23 -8.74
C LYS A 161 -21.14 5.59 -8.60
N ILE A 162 -20.63 6.55 -9.44
CA ILE A 162 -19.23 7.00 -9.39
C ILE A 162 -18.92 7.54 -8.01
N VAL A 163 -19.79 8.41 -7.49
CA VAL A 163 -19.61 8.99 -6.16
C VAL A 163 -19.61 7.90 -5.06
N GLN A 164 -20.60 6.97 -5.06
CA GLN A 164 -20.68 5.87 -4.09
C GLN A 164 -19.39 5.03 -4.11
N MET A 165 -18.96 4.61 -5.30
CA MET A 165 -17.76 3.78 -5.50
C MET A 165 -16.47 4.45 -4.99
N LEU A 166 -16.22 5.72 -5.39
CA LEU A 166 -15.02 6.46 -4.94
C LEU A 166 -15.06 6.68 -3.42
N SER A 167 -16.22 7.04 -2.86
CA SER A 167 -16.36 7.26 -1.42
C SER A 167 -16.07 5.99 -0.62
N ASP A 168 -16.58 4.83 -1.06
CA ASP A 168 -16.33 3.58 -0.33
C ASP A 168 -14.89 3.13 -0.48
N THR A 169 -14.29 3.39 -1.65
CA THR A 169 -12.91 2.99 -1.89
C THR A 169 -11.96 3.90 -1.11
N LEU A 170 -12.23 5.20 -1.07
CA LEU A 170 -11.28 6.18 -0.54
C LEU A 170 -11.51 6.71 0.85
N LYS A 171 -12.70 6.56 1.48
CA LYS A 171 -12.93 7.20 2.77
C LYS A 171 -11.93 6.83 3.88
N ASN A 172 -11.42 5.60 3.87
CA ASN A 172 -10.42 5.20 4.86
C ASN A 172 -8.97 5.33 4.36
N LEU A 173 -8.75 5.88 3.15
CA LEU A 173 -7.41 5.99 2.60
C LEU A 173 -6.90 7.42 2.47
N SER A 174 -7.75 8.32 1.95
CA SER A 174 -7.29 9.65 1.59
C SER A 174 -8.35 10.74 1.71
N ASP A 175 -7.90 12.02 1.75
CA ASP A 175 -8.80 13.17 1.75
C ASP A 175 -9.20 13.60 0.32
N ARG A 176 -8.76 12.88 -0.72
CA ARG A 176 -9.03 13.28 -2.11
C ARG A 176 -9.07 12.07 -3.07
N VAL A 177 -9.20 12.35 -4.38
CA VAL A 177 -9.08 11.39 -5.48
C VAL A 177 -8.09 11.95 -6.50
N VAL A 178 -7.20 11.08 -7.04
CA VAL A 178 -6.26 11.42 -8.11
C VAL A 178 -6.55 10.45 -9.25
N PHE A 179 -7.19 10.92 -10.34
CA PHE A 179 -7.48 10.06 -11.48
C PHE A 179 -6.21 9.86 -12.26
N VAL A 180 -5.77 8.62 -12.38
CA VAL A 180 -4.54 8.27 -13.09
C VAL A 180 -4.90 7.86 -14.50
N LEU A 181 -4.49 8.69 -15.45
CA LEU A 181 -4.88 8.50 -16.84
C LEU A 181 -3.73 8.12 -17.80
N TRP A 182 -4.09 7.47 -18.92
CA TRP A 182 -3.24 7.27 -20.08
C TRP A 182 -4.13 7.95 -21.13
N ALA A 183 -4.15 9.28 -21.08
CA ALA A 183 -5.13 10.09 -21.77
C ALA A 183 -5.11 9.99 -23.29
N HIS A 184 -6.27 9.62 -23.84
CA HIS A 184 -6.48 9.59 -25.27
C HIS A 184 -7.61 10.56 -25.73
N GLY A 185 -8.39 11.14 -24.81
CA GLY A 185 -9.39 12.13 -25.16
C GLY A 185 -10.78 12.01 -24.53
N PHE A 186 -11.46 10.87 -24.76
CA PHE A 186 -12.81 10.63 -24.22
C PHE A 186 -12.89 10.70 -22.69
N GLU A 187 -11.81 10.31 -21.98
CA GLU A 187 -11.84 10.37 -20.53
C GLU A 187 -11.86 11.83 -20.07
N LEU A 188 -11.11 12.71 -20.73
CA LEU A 188 -11.05 14.13 -20.39
C LEU A 188 -12.35 14.84 -20.73
N THR A 189 -12.94 14.52 -21.88
CA THR A 189 -14.19 15.14 -22.29
C THR A 189 -15.41 14.56 -21.55
N SER A 190 -15.29 13.37 -20.90
CA SER A 190 -16.41 12.82 -20.15
C SER A 190 -16.48 13.40 -18.71
N MET A 191 -15.42 14.05 -18.23
CA MET A 191 -15.38 14.56 -16.87
C MET A 191 -16.45 15.60 -16.55
N LYS A 192 -16.83 16.43 -17.52
CA LYS A 192 -17.88 17.43 -17.29
C LYS A 192 -19.23 16.80 -16.86
N TYR A 193 -19.44 15.50 -17.18
CA TYR A 193 -20.68 14.82 -16.84
C TYR A 193 -20.75 14.28 -15.41
N PHE A 194 -19.65 14.34 -14.64
CA PHE A 194 -19.66 13.84 -13.26
C PHE A 194 -18.79 14.63 -12.30
N VAL A 195 -18.09 15.67 -12.79
CA VAL A 195 -17.18 16.48 -11.98
C VAL A 195 -17.63 17.95 -11.90
N LYS A 196 -17.59 18.54 -10.67
CA LYS A 196 -17.82 19.95 -10.43
C LYS A 196 -16.56 20.48 -9.76
N ILE A 197 -16.20 21.72 -10.07
CA ILE A 197 -15.03 22.37 -9.49
C ILE A 197 -15.40 23.72 -8.89
N GLY A 198 -14.56 24.20 -8.00
CA GLY A 198 -14.74 25.49 -7.35
C GLY A 198 -13.69 25.71 -6.29
N PRO A 199 -13.96 26.66 -5.39
CA PRO A 199 -13.01 26.90 -4.29
C PRO A 199 -12.92 25.68 -3.37
N GLU A 200 -11.80 25.54 -2.63
CA GLU A 200 -11.67 24.46 -1.65
C GLU A 200 -12.71 24.66 -0.56
N ARG A 201 -13.40 23.58 -0.18
CA ARG A 201 -14.48 23.67 0.80
C ARG A 201 -14.37 22.61 1.90
N THR A 202 -15.18 22.75 2.97
CA THR A 202 -15.24 21.73 4.00
C THR A 202 -16.56 20.96 3.89
N CYS A 203 -16.61 19.77 4.51
CA CYS A 203 -17.81 18.93 4.55
C CYS A 203 -18.93 19.63 5.32
N CYS A 204 -20.19 19.37 4.95
CA CYS A 204 -21.33 19.95 5.64
C CYS A 204 -21.56 19.30 7.02
N LEU A 205 -21.14 18.03 7.19
CA LEU A 205 -21.30 17.26 8.42
C LEU A 205 -20.04 17.16 9.28
N CYS A 206 -18.87 17.52 8.76
CA CYS A 206 -17.61 17.45 9.52
C CYS A 206 -16.52 18.44 9.03
N ASP A 207 -15.33 18.41 9.64
CA ASP A 207 -14.20 19.29 9.35
C ASP A 207 -13.35 18.86 8.15
N ARG A 208 -13.57 17.67 7.57
CA ARG A 208 -12.76 17.20 6.43
C ARG A 208 -12.99 18.03 5.15
N ARG A 209 -12.02 18.01 4.20
CA ARG A 209 -12.21 18.75 2.95
C ARG A 209 -13.31 18.07 2.11
N ALA A 210 -14.05 18.88 1.36
CA ALA A 210 -15.14 18.43 0.51
C ALA A 210 -14.59 17.68 -0.71
N THR A 211 -15.12 16.49 -0.99
CA THR A 211 -14.76 15.70 -2.16
C THR A 211 -15.95 15.43 -3.10
N CYS A 212 -17.18 15.74 -2.66
CA CYS A 212 -18.43 15.49 -3.38
C CYS A 212 -19.39 16.68 -3.27
N PHE A 213 -20.30 16.80 -4.21
CA PHE A 213 -21.33 17.83 -4.22
C PHE A 213 -22.68 17.17 -4.54
N SER A 214 -23.75 17.71 -3.95
CA SER A 214 -25.07 17.20 -4.23
C SER A 214 -25.95 18.29 -4.88
N THR A 215 -26.51 18.01 -6.09
CA THR A 215 -27.43 18.94 -6.74
C THR A 215 -28.79 18.95 -6.02
N ALA A 216 -29.19 17.83 -5.39
CA ALA A 216 -30.47 17.74 -4.68
C ALA A 216 -30.51 18.69 -3.48
N SER A 217 -29.43 18.75 -2.69
CA SER A 217 -29.42 19.60 -1.50
C SER A 217 -28.56 20.87 -1.60
N ASP A 218 -27.74 21.02 -2.64
CA ASP A 218 -26.81 22.15 -2.81
C ASP A 218 -25.72 22.17 -1.70
N THR A 219 -25.32 21.00 -1.19
CA THR A 219 -24.32 20.92 -0.13
C THR A 219 -23.06 20.13 -0.58
N TYR A 220 -22.01 20.17 0.25
CA TYR A 220 -20.74 19.53 -0.01
C TYR A 220 -20.42 18.51 1.08
N ALA A 221 -19.74 17.42 0.71
CA ALA A 221 -19.40 16.39 1.68
C ALA A 221 -18.06 15.76 1.41
N CYS A 222 -17.44 15.18 2.45
CA CYS A 222 -16.22 14.41 2.32
C CYS A 222 -16.61 12.95 1.85
N TRP A 223 -15.65 12.01 1.76
CA TRP A 223 -15.95 10.66 1.35
C TRP A 223 -16.84 9.94 2.39
N HIS A 224 -16.69 10.28 3.69
CA HIS A 224 -17.47 9.64 4.76
C HIS A 224 -18.94 10.06 4.82
N HIS A 225 -19.30 11.25 4.29
CA HIS A 225 -20.66 11.77 4.44
C HIS A 225 -21.37 12.06 3.13
N SER A 226 -20.99 11.37 2.05
CA SER A 226 -21.55 11.66 0.73
C SER A 226 -22.66 10.74 0.22
N ILE A 227 -23.38 10.03 1.11
CA ILE A 227 -24.45 9.15 0.66
C ILE A 227 -25.54 9.93 -0.07
N GLY A 228 -25.83 9.52 -1.30
CA GLY A 228 -26.81 10.23 -2.13
C GLY A 228 -26.24 11.38 -2.94
N PHE A 229 -24.92 11.66 -2.83
CA PHE A 229 -24.30 12.76 -3.58
C PHE A 229 -24.06 12.35 -5.04
N ASP A 230 -24.14 13.30 -5.98
CA ASP A 230 -24.04 12.96 -7.40
C ASP A 230 -22.83 13.54 -8.15
N TYR A 231 -22.06 14.47 -7.57
CA TYR A 231 -20.90 15.01 -8.27
C TYR A 231 -19.60 14.83 -7.53
N VAL A 232 -18.54 14.50 -8.25
CA VAL A 232 -17.21 14.43 -7.67
C VAL A 232 -16.75 15.89 -7.68
N TYR A 233 -16.29 16.38 -6.55
CA TYR A 233 -15.91 17.76 -6.38
C TYR A 233 -14.42 17.96 -6.18
N ASN A 234 -13.81 18.84 -7.00
CA ASN A 234 -12.38 19.16 -6.96
C ASN A 234 -11.49 17.90 -6.98
N PRO A 235 -11.71 16.98 -7.95
CA PRO A 235 -10.80 15.85 -8.07
C PRO A 235 -9.46 16.32 -8.63
N PHE A 236 -8.44 15.48 -8.48
CA PHE A 236 -7.15 15.75 -9.09
C PHE A 236 -6.93 14.69 -10.16
N MET A 237 -5.98 14.91 -11.06
CA MET A 237 -5.70 14.01 -12.14
C MET A 237 -4.27 14.17 -12.63
N ILE A 238 -3.75 13.14 -13.28
CA ILE A 238 -2.40 13.11 -13.80
C ILE A 238 -2.38 12.24 -15.05
N ASP A 239 -1.80 12.76 -16.13
CA ASP A 239 -1.69 11.98 -17.37
C ASP A 239 -0.30 11.32 -17.46
N VAL A 240 -0.23 9.98 -17.30
CA VAL A 240 0.97 9.15 -17.39
C VAL A 240 1.67 9.34 -18.78
N GLN A 241 0.90 9.62 -19.84
CA GLN A 241 1.46 9.89 -21.16
C GLN A 241 2.36 11.13 -21.18
N GLN A 242 2.19 12.06 -20.24
CA GLN A 242 3.07 13.24 -20.17
C GLN A 242 4.47 12.93 -19.64
N TRP A 243 4.74 11.70 -19.23
CA TRP A 243 6.00 11.33 -18.61
C TRP A 243 7.10 10.89 -19.59
N GLY A 244 6.77 10.78 -20.87
CA GLY A 244 7.76 10.39 -21.88
C GLY A 244 7.79 8.90 -22.05
N PHE A 245 6.97 8.39 -22.95
CA PHE A 245 6.88 6.97 -23.19
C PHE A 245 6.75 6.73 -24.67
N THR A 246 7.41 5.67 -25.16
CA THR A 246 7.28 5.27 -26.55
C THR A 246 6.35 4.08 -26.57
N GLY A 247 5.39 4.09 -27.48
CA GLY A 247 4.46 2.97 -27.61
C GLY A 247 3.24 3.11 -26.73
N ASN A 248 2.29 2.20 -26.93
CA ASN A 248 1.02 2.24 -26.24
C ASN A 248 1.11 1.79 -24.75
N LEU A 249 -0.01 1.89 -24.04
CA LEU A 249 -0.14 1.52 -22.64
C LEU A 249 0.27 0.05 -22.42
N GLN A 250 -0.32 -0.90 -23.16
CA GLN A 250 -0.03 -2.31 -22.94
C GLN A 250 1.45 -2.65 -23.12
N SER A 251 2.10 -2.13 -24.18
CA SER A 251 3.52 -2.41 -24.39
C SER A 251 4.41 -1.91 -23.26
N ASN A 252 4.08 -0.75 -22.66
CA ASN A 252 4.86 -0.23 -21.53
C ASN A 252 4.56 -1.00 -20.23
N HIS A 253 3.28 -1.30 -19.99
CA HIS A 253 2.84 -2.02 -18.80
C HIS A 253 3.44 -3.44 -18.76
N ASP A 254 3.37 -4.17 -19.90
CA ASP A 254 3.84 -5.56 -20.00
C ASP A 254 5.35 -5.74 -19.87
N LEU A 255 6.12 -4.67 -19.98
CA LEU A 255 7.55 -4.73 -19.75
C LEU A 255 7.87 -5.05 -18.28
N TYR A 256 6.96 -4.70 -17.34
CA TYR A 256 7.22 -4.83 -15.91
C TYR A 256 6.20 -5.68 -15.15
N CYS A 257 5.10 -6.10 -15.79
CA CYS A 257 4.04 -6.79 -15.08
C CYS A 257 3.36 -7.86 -15.92
N GLN A 258 3.24 -9.05 -15.36
CA GLN A 258 2.58 -10.18 -16.03
C GLN A 258 1.24 -10.57 -15.36
N VAL A 259 0.83 -9.86 -14.32
CA VAL A 259 -0.35 -10.18 -13.53
C VAL A 259 -1.63 -9.52 -14.06
N HIS A 260 -1.52 -8.36 -14.72
CA HIS A 260 -2.69 -7.69 -15.27
C HIS A 260 -2.78 -7.93 -16.76
N GLY A 261 -3.81 -8.62 -17.18
CA GLY A 261 -4.02 -8.89 -18.60
C GLY A 261 -4.84 -7.81 -19.28
N ASN A 262 -5.26 -8.05 -20.54
CA ASN A 262 -6.08 -7.09 -21.24
C ASN A 262 -7.35 -7.71 -21.80
N ALA A 263 -8.44 -7.74 -21.00
CA ALA A 263 -9.70 -8.28 -21.50
C ALA A 263 -10.42 -7.30 -22.46
N HIS A 264 -9.73 -6.22 -22.89
CA HIS A 264 -10.13 -5.15 -23.80
C HIS A 264 -11.28 -4.26 -23.25
N VAL A 265 -11.48 -4.28 -21.92
CA VAL A 265 -12.45 -3.41 -21.27
C VAL A 265 -11.71 -2.24 -20.62
N ALA A 266 -12.42 -1.14 -20.44
CA ALA A 266 -11.89 0.08 -19.87
C ALA A 266 -11.24 -0.11 -18.49
N SER A 267 -11.80 -0.98 -17.63
CA SER A 267 -11.23 -1.20 -16.31
C SER A 267 -9.85 -1.88 -16.41
N CYS A 268 -9.64 -2.74 -17.43
CA CYS A 268 -8.34 -3.38 -17.66
C CYS A 268 -7.26 -2.32 -17.93
N ASP A 269 -7.60 -1.32 -18.76
CA ASP A 269 -6.70 -0.22 -19.07
C ASP A 269 -6.47 0.65 -17.83
N ALA A 270 -7.53 0.90 -17.03
CA ALA A 270 -7.45 1.70 -15.81
C ALA A 270 -6.48 1.09 -14.79
N ILE A 271 -6.56 -0.24 -14.61
CA ILE A 271 -5.73 -1.05 -13.73
C ILE A 271 -4.27 -1.01 -14.24
N MET A 272 -4.05 -1.26 -15.54
CA MET A 272 -2.71 -1.20 -16.16
C MET A 272 -2.08 0.20 -16.02
N THR A 273 -2.88 1.26 -16.16
CA THR A 273 -2.42 2.65 -16.08
C THR A 273 -1.91 2.93 -14.65
N ARG A 274 -2.72 2.60 -13.64
CA ARG A 274 -2.30 2.80 -12.25
C ARG A 274 -1.08 1.93 -11.94
N CYS A 275 -1.06 0.69 -12.46
CA CYS A 275 0.05 -0.25 -12.26
C CYS A 275 1.35 0.33 -12.80
N LEU A 276 1.32 0.86 -14.04
CA LEU A 276 2.50 1.44 -14.68
C LEU A 276 2.98 2.66 -13.88
N ALA A 277 2.02 3.51 -13.42
CA ALA A 277 2.33 4.68 -12.61
C ALA A 277 3.03 4.28 -11.27
N VAL A 278 2.51 3.22 -10.58
CA VAL A 278 3.11 2.68 -9.35
C VAL A 278 4.53 2.17 -9.67
N HIS A 279 4.72 1.46 -10.79
CA HIS A 279 6.05 0.98 -11.19
C HIS A 279 7.04 2.14 -11.34
N GLU A 280 6.65 3.22 -12.04
CA GLU A 280 7.53 4.36 -12.27
C GLU A 280 7.85 5.14 -11.02
N CYS A 281 6.89 5.23 -10.11
CA CYS A 281 7.04 6.08 -8.95
C CYS A 281 7.53 5.37 -7.71
N PHE A 282 7.37 4.03 -7.64
CA PHE A 282 7.68 3.26 -6.44
C PHE A 282 8.53 2.01 -6.68
N VAL A 283 8.76 1.63 -7.95
CA VAL A 283 9.58 0.45 -8.23
C VAL A 283 10.92 0.85 -8.87
N LYS A 284 10.88 1.57 -10.00
CA LYS A 284 12.10 2.04 -10.64
C LYS A 284 12.71 3.26 -9.91
N ARG A 285 11.86 4.05 -9.25
CA ARG A 285 12.25 5.21 -8.46
C ARG A 285 11.80 4.94 -7.03
N VAL A 286 12.67 5.21 -6.04
CA VAL A 286 12.31 5.00 -4.64
C VAL A 286 12.60 6.24 -3.82
N ASP A 287 11.60 6.72 -3.06
CA ASP A 287 11.80 7.85 -2.17
C ASP A 287 11.29 7.47 -0.79
N TRP A 288 12.20 7.03 0.10
CA TRP A 288 11.79 6.66 1.46
C TRP A 288 11.70 7.85 2.44
N THR A 289 11.96 9.08 1.97
CA THR A 289 11.87 10.25 2.83
C THR A 289 10.46 10.83 2.92
N ILE A 290 9.63 10.60 1.90
CA ILE A 290 8.26 11.09 1.89
C ILE A 290 7.47 10.43 3.02
N GLU A 291 6.90 11.26 3.87
CA GLU A 291 6.09 10.90 5.01
C GLU A 291 4.62 10.83 4.57
N TYR A 292 3.86 9.91 5.12
CA TYR A 292 2.45 9.74 4.79
C TYR A 292 1.64 9.82 6.09
N PRO A 293 0.46 10.46 6.04
CA PRO A 293 -0.36 10.59 7.27
C PRO A 293 -0.76 9.27 7.93
N ILE A 294 -1.07 9.32 9.23
CA ILE A 294 -1.53 8.15 9.96
C ILE A 294 -3.02 7.97 9.66
N ILE A 295 -3.40 6.83 9.10
CA ILE A 295 -4.79 6.57 8.75
C ILE A 295 -5.43 5.36 9.48
N GLY A 296 -4.63 4.61 10.23
CA GLY A 296 -5.11 3.45 10.94
C GLY A 296 -4.25 3.03 12.11
N ASP A 297 -3.93 1.74 12.14
CA ASP A 297 -3.18 1.14 13.23
C ASP A 297 -1.67 1.17 13.10
N GLU A 298 -1.13 2.08 12.27
CA GLU A 298 0.32 2.23 12.04
C GLU A 298 1.17 2.14 13.30
N LEU A 299 0.92 3.01 14.29
CA LEU A 299 1.74 3.04 15.49
C LEU A 299 1.71 1.76 16.29
N LYS A 300 0.52 1.11 16.38
CA LYS A 300 0.39 -0.13 17.12
C LYS A 300 1.09 -1.26 16.40
N ILE A 301 0.99 -1.30 15.04
CA ILE A 301 1.63 -2.32 14.22
C ILE A 301 3.15 -2.22 14.35
N ASN A 302 3.71 -1.01 14.27
CA ASN A 302 5.16 -0.84 14.34
C ASN A 302 5.69 -1.23 15.73
N ALA A 303 4.93 -0.89 16.78
CA ALA A 303 5.27 -1.22 18.17
C ALA A 303 5.20 -2.73 18.39
N ALA A 304 4.18 -3.38 17.81
CA ALA A 304 4.00 -4.82 17.89
C ALA A 304 5.16 -5.52 17.19
N CYS A 305 5.59 -5.00 16.02
CA CYS A 305 6.68 -5.54 15.22
C CYS A 305 7.97 -5.57 16.02
N ARG A 306 8.24 -4.47 16.75
CA ARG A 306 9.43 -4.36 17.58
C ARG A 306 9.38 -5.37 18.75
N LYS A 307 8.19 -5.55 19.36
CA LYS A 307 8.01 -6.47 20.49
C LYS A 307 8.19 -7.91 20.05
N VAL A 308 7.58 -8.28 18.91
CA VAL A 308 7.63 -9.64 18.39
C VAL A 308 9.05 -9.99 17.98
N GLN A 309 9.76 -9.07 17.31
CA GLN A 309 11.14 -9.30 16.90
C GLN A 309 12.03 -9.57 18.11
N HIS A 310 11.94 -8.75 19.15
CA HIS A 310 12.75 -8.92 20.35
C HIS A 310 12.45 -10.30 21.00
N MET A 311 11.17 -10.64 21.11
CA MET A 311 10.70 -11.91 21.71
C MET A 311 11.23 -13.12 20.97
N VAL A 312 11.05 -13.17 19.65
CA VAL A 312 11.44 -14.32 18.83
C VAL A 312 12.94 -14.52 18.76
N VAL A 313 13.69 -13.42 18.60
CA VAL A 313 15.12 -13.51 18.51
C VAL A 313 15.73 -13.89 19.84
N LYS A 314 15.25 -13.27 20.93
CA LYS A 314 15.71 -13.60 22.30
C LYS A 314 15.51 -15.09 22.59
N ALA A 315 14.34 -15.63 22.23
CA ALA A 315 14.03 -17.04 22.47
C ALA A 315 14.84 -17.98 21.60
N ALA A 316 15.08 -17.64 20.33
CA ALA A 316 15.89 -18.49 19.46
C ALA A 316 17.34 -18.59 19.99
N LEU A 317 17.87 -17.48 20.50
CA LEU A 317 19.20 -17.46 21.07
C LEU A 317 19.24 -18.28 22.36
N LEU A 318 18.20 -18.20 23.19
CA LEU A 318 18.17 -18.97 24.45
C LEU A 318 17.98 -20.46 24.19
N ALA A 319 17.11 -20.83 23.23
CA ALA A 319 16.81 -22.23 22.93
C ALA A 319 17.94 -22.97 22.21
N ASP A 320 18.63 -22.32 21.26
CA ASP A 320 19.66 -23.00 20.50
C ASP A 320 21.08 -22.48 20.70
N LYS A 321 21.24 -21.43 21.51
CA LYS A 321 22.53 -20.84 21.87
C LYS A 321 23.50 -20.63 20.68
N PHE A 322 23.04 -19.99 19.59
CA PHE A 322 23.91 -19.74 18.42
C PHE A 322 25.08 -18.84 18.83
N PRO A 323 26.31 -19.18 18.41
CA PRO A 323 27.46 -18.31 18.76
C PRO A 323 27.49 -17.00 17.95
N VAL A 324 26.86 -16.97 16.75
CA VAL A 324 26.85 -15.78 15.87
C VAL A 324 25.47 -15.54 15.22
N LEU A 325 25.05 -14.28 15.11
CA LEU A 325 23.80 -13.92 14.43
C LEU A 325 24.16 -12.97 13.25
N HIS A 326 23.71 -13.32 12.04
CA HIS A 326 23.91 -12.55 10.82
C HIS A 326 22.62 -11.79 10.58
N ASP A 327 22.65 -10.49 10.84
CA ASP A 327 21.48 -9.65 10.68
C ASP A 327 21.48 -9.00 9.28
N ILE A 328 20.64 -9.50 8.37
CA ILE A 328 20.58 -9.03 6.98
C ILE A 328 19.37 -8.16 6.71
N GLY A 329 19.61 -6.90 6.35
CA GLY A 329 18.52 -6.01 6.04
C GLY A 329 18.84 -4.56 6.24
N ASN A 330 17.86 -3.79 6.77
CA ASN A 330 17.99 -2.35 6.96
C ASN A 330 19.37 -1.86 7.41
N PRO A 331 20.08 -1.07 6.57
CA PRO A 331 21.40 -0.59 6.98
C PRO A 331 21.38 0.24 8.27
N LYS A 332 20.20 0.69 8.74
CA LYS A 332 20.11 1.43 9.99
C LYS A 332 19.55 0.61 11.16
N ALA A 333 19.53 -0.73 11.05
CA ALA A 333 19.04 -1.61 12.12
C ALA A 333 19.93 -1.56 13.35
N ILE A 334 19.30 -1.75 14.51
CA ILE A 334 19.93 -1.78 15.82
C ILE A 334 19.74 -3.21 16.39
N LYS A 335 20.56 -3.64 17.36
CA LYS A 335 20.43 -4.98 17.94
C LYS A 335 19.05 -5.12 18.62
N CYS A 336 18.20 -6.03 18.12
CA CYS A 336 16.87 -6.20 18.70
C CYS A 336 16.88 -6.90 20.08
N VAL A 337 17.98 -7.57 20.44
CA VAL A 337 18.17 -8.22 21.76
C VAL A 337 19.55 -7.74 22.27
N PRO A 338 19.63 -6.47 22.73
CA PRO A 338 20.93 -5.91 23.13
C PRO A 338 21.68 -6.63 24.24
N GLN A 339 20.97 -7.35 25.12
CA GLN A 339 21.65 -8.04 26.22
C GLN A 339 22.16 -9.44 25.85
N ALA A 340 21.78 -9.99 24.68
CA ALA A 340 22.22 -11.34 24.28
C ALA A 340 23.72 -11.50 24.15
N ASP A 341 24.25 -12.67 24.54
CA ASP A 341 25.69 -12.96 24.55
C ASP A 341 26.35 -12.99 23.16
N VAL A 342 25.60 -13.44 22.17
CA VAL A 342 25.96 -13.67 20.77
C VAL A 342 26.81 -12.58 20.07
N GLU A 343 27.60 -13.03 19.09
CA GLU A 343 28.36 -12.15 18.22
C GLU A 343 27.37 -11.63 17.15
N TRP A 344 26.99 -10.35 17.22
CA TRP A 344 26.01 -9.78 16.29
C TRP A 344 26.70 -9.11 15.10
N LYS A 345 26.45 -9.61 13.88
CA LYS A 345 27.08 -9.04 12.68
C LYS A 345 26.02 -8.53 11.74
N PHE A 346 26.15 -7.27 11.28
CA PHE A 346 25.17 -6.65 10.39
C PHE A 346 25.63 -6.63 8.92
N TYR A 347 24.65 -6.75 8.01
CA TYR A 347 24.85 -6.74 6.55
C TYR A 347 23.76 -5.83 6.00
N ASP A 348 24.19 -4.86 5.20
CA ASP A 348 23.34 -3.83 4.64
C ASP A 348 22.64 -4.28 3.38
N ALA A 349 21.34 -4.12 3.37
CA ALA A 349 20.52 -4.36 2.20
C ALA A 349 19.29 -3.49 2.35
N GLN A 350 19.07 -2.60 1.40
CA GLN A 350 17.89 -1.74 1.40
C GLN A 350 16.66 -2.59 1.04
N PRO A 351 15.43 -2.13 1.36
CA PRO A 351 14.24 -2.90 0.95
C PRO A 351 14.18 -3.06 -0.57
N CYS A 352 14.02 -4.30 -1.06
CA CYS A 352 13.92 -4.52 -2.50
C CYS A 352 12.48 -4.17 -2.91
N SER A 353 12.33 -3.37 -3.94
CA SER A 353 10.99 -2.97 -4.40
C SER A 353 10.57 -3.64 -5.70
N ASP A 354 11.53 -4.20 -6.46
CA ASP A 354 11.23 -4.84 -7.72
C ASP A 354 11.05 -6.34 -7.51
N LYS A 355 12.11 -7.14 -7.64
CA LYS A 355 12.08 -8.58 -7.40
C LYS A 355 12.83 -8.85 -6.09
N ALA A 356 12.48 -9.95 -5.41
CA ALA A 356 13.16 -10.36 -4.17
C ALA A 356 14.66 -10.60 -4.44
N TYR A 357 15.51 -10.33 -3.46
CA TYR A 357 16.95 -10.57 -3.60
C TYR A 357 17.25 -12.02 -3.85
N LYS A 358 18.29 -12.29 -4.61
CA LYS A 358 18.75 -13.66 -4.83
C LYS A 358 19.69 -13.95 -3.69
N ILE A 359 19.48 -15.06 -2.96
CA ILE A 359 20.34 -15.40 -1.82
C ILE A 359 21.82 -15.54 -2.27
N GLU A 360 22.05 -15.99 -3.53
CA GLU A 360 23.40 -16.15 -4.06
C GLU A 360 24.10 -14.80 -4.17
N GLU A 361 23.37 -13.72 -4.49
CA GLU A 361 24.00 -12.41 -4.61
C GLU A 361 24.23 -11.78 -3.23
N LEU A 362 23.32 -11.97 -2.28
CA LEU A 362 23.48 -11.43 -0.93
C LEU A 362 24.62 -12.10 -0.18
N PHE A 363 24.80 -13.41 -0.39
CA PHE A 363 25.78 -14.19 0.35
C PHE A 363 27.08 -14.51 -0.33
N TYR A 364 27.07 -14.69 -1.66
CA TYR A 364 28.28 -15.15 -2.36
C TYR A 364 28.96 -14.05 -3.19
N SER A 365 30.16 -14.39 -3.73
CA SER A 365 31.12 -13.58 -4.48
C SER A 365 32.25 -13.04 -3.55
N TYR A 366 32.56 -13.82 -2.49
CA TYR A 366 33.56 -13.57 -1.45
C TYR A 366 33.26 -12.30 -0.65
N HIS A 369 32.54 -9.55 7.05
CA HIS A 369 31.61 -10.67 6.97
C HIS A 369 32.24 -11.88 7.58
N SER A 370 31.43 -12.66 8.30
CA SER A 370 31.91 -13.94 8.83
C SER A 370 32.25 -14.90 7.66
N ASP A 371 31.67 -14.65 6.44
CA ASP A 371 31.77 -15.43 5.19
C ASP A 371 30.90 -16.68 5.33
N LYS A 372 31.07 -17.37 6.47
CA LYS A 372 30.31 -18.55 6.81
C LYS A 372 28.95 -18.16 7.38
N PHE A 373 27.99 -17.88 6.48
CA PHE A 373 26.61 -17.61 6.88
C PHE A 373 25.92 -18.87 7.44
N THR A 374 26.50 -20.07 7.20
CA THR A 374 26.05 -21.36 7.72
C THR A 374 26.29 -21.50 9.23
N ASP A 375 27.22 -20.72 9.80
CA ASP A 375 27.47 -20.72 11.24
C ASP A 375 26.37 -19.89 11.88
N GLY A 376 25.84 -20.36 13.01
CA GLY A 376 24.82 -19.63 13.74
C GLY A 376 23.50 -19.43 13.02
N VAL A 377 22.86 -18.29 13.27
CA VAL A 377 21.55 -18.02 12.71
C VAL A 377 21.52 -16.73 11.86
N CYS A 378 20.67 -16.72 10.83
CA CYS A 378 20.50 -15.57 9.95
C CYS A 378 19.15 -14.94 10.26
N LEU A 379 19.15 -13.65 10.48
CA LEU A 379 17.93 -12.90 10.78
C LEU A 379 17.55 -12.08 9.56
N PHE A 380 16.40 -12.39 8.93
CA PHE A 380 15.90 -11.60 7.79
C PHE A 380 14.59 -10.94 8.23
N TRP A 381 14.68 -9.79 8.86
CA TRP A 381 13.50 -9.08 9.33
C TRP A 381 13.00 -8.09 8.27
N ASN A 382 12.06 -8.55 7.44
CA ASN A 382 11.53 -7.80 6.30
C ASN A 382 12.60 -7.55 5.24
N CYS A 383 13.50 -8.53 5.02
CA CYS A 383 14.50 -8.48 3.97
C CYS A 383 14.11 -9.61 3.01
N ASN A 384 13.42 -9.26 1.94
CA ASN A 384 12.80 -10.22 1.03
C ASN A 384 13.76 -10.94 0.10
N VAL A 385 13.96 -12.25 0.33
CA VAL A 385 14.87 -13.02 -0.51
C VAL A 385 14.08 -14.16 -1.23
N ASP A 386 14.64 -14.67 -2.32
CA ASP A 386 14.02 -15.72 -3.12
C ASP A 386 13.92 -17.08 -2.38
N ARG A 387 14.92 -17.42 -1.57
CA ARG A 387 14.93 -18.68 -0.84
C ARG A 387 15.79 -18.53 0.39
N TYR A 388 15.15 -18.53 1.56
CA TYR A 388 15.88 -18.38 2.81
C TYR A 388 16.72 -19.60 3.15
N PRO A 389 17.91 -19.38 3.72
CA PRO A 389 18.72 -20.51 4.19
C PRO A 389 18.00 -21.26 5.33
N ALA A 390 18.30 -22.55 5.51
CA ALA A 390 17.69 -23.34 6.56
C ALA A 390 17.91 -22.76 7.96
N ASN A 391 19.06 -22.10 8.23
CA ASN A 391 19.31 -21.54 9.57
C ASN A 391 18.78 -20.09 9.70
N SER A 392 17.48 -19.88 9.43
CA SER A 392 16.92 -18.53 9.47
C SER A 392 15.75 -18.29 10.40
N ILE A 393 15.62 -17.03 10.82
CA ILE A 393 14.54 -16.41 11.57
C ILE A 393 14.04 -15.37 10.57
N VAL A 394 12.79 -15.50 10.11
CA VAL A 394 12.27 -14.59 9.09
C VAL A 394 10.93 -13.90 9.39
N CYS A 395 10.84 -12.63 9.02
CA CYS A 395 9.58 -11.89 8.97
C CYS A 395 9.42 -11.47 7.49
N ARG A 396 8.33 -11.91 6.85
CA ARG A 396 8.05 -11.58 5.46
C ARG A 396 6.62 -11.06 5.34
N PHE A 397 6.45 -9.85 4.80
CA PHE A 397 5.15 -9.23 4.57
C PHE A 397 4.41 -9.98 3.44
N ASP A 398 3.18 -10.43 3.71
CA ASP A 398 2.34 -11.12 2.75
C ASP A 398 1.59 -10.04 1.97
N THR A 399 2.02 -9.84 0.71
CA THR A 399 1.46 -8.83 -0.18
C THR A 399 -0.03 -9.02 -0.46
N ARG A 400 -0.57 -10.25 -0.29
CA ARG A 400 -1.98 -10.51 -0.55
C ARG A 400 -2.94 -9.94 0.50
N VAL A 401 -2.43 -9.48 1.63
CA VAL A 401 -3.27 -9.04 2.74
C VAL A 401 -4.18 -7.85 2.37
N LEU A 402 -5.44 -7.92 2.84
CA LEU A 402 -6.38 -6.82 2.61
C LEU A 402 -6.33 -5.87 3.79
N SER A 403 -5.92 -4.63 3.53
CA SER A 403 -5.92 -3.60 4.57
C SER A 403 -5.88 -2.20 3.96
N ASN A 404 -6.19 -1.19 4.79
CA ASN A 404 -6.11 0.20 4.35
C ASN A 404 -4.64 0.66 4.12
N LEU A 405 -3.67 -0.06 4.72
CA LEU A 405 -2.24 0.26 4.54
C LEU A 405 -1.64 -0.35 3.29
N ASN A 406 -2.19 -1.47 2.85
CA ASN A 406 -1.69 -2.21 1.69
C ASN A 406 -2.47 -1.92 0.41
N LEU A 407 -1.84 -1.23 -0.53
CA LEU A 407 -2.46 -0.87 -1.81
C LEU A 407 -2.00 -1.84 -2.90
N PRO A 408 -2.83 -2.09 -3.94
CA PRO A 408 -2.39 -2.96 -5.03
C PRO A 408 -1.14 -2.42 -5.73
N GLY A 409 -0.21 -3.31 -6.04
CA GLY A 409 1.05 -2.95 -6.64
C GLY A 409 1.25 -3.50 -8.04
N CYS A 410 2.52 -3.63 -8.43
N CYS A 410 2.53 -3.65 -8.43
CA CYS A 410 2.96 -4.06 -9.75
CA CYS A 410 2.94 -4.14 -9.76
C CYS A 410 3.52 -5.49 -9.79
C CYS A 410 3.39 -5.58 -9.72
N ASP A 411 3.13 -6.29 -10.81
CA ASP A 411 3.57 -7.68 -10.99
C ASP A 411 3.37 -8.61 -9.75
N GLY A 412 2.23 -8.50 -9.08
CA GLY A 412 1.95 -9.33 -7.91
C GLY A 412 2.32 -8.67 -6.59
N GLY A 413 3.25 -7.73 -6.64
CA GLY A 413 3.67 -6.98 -5.47
C GLY A 413 2.57 -6.05 -4.97
N SER A 414 2.79 -5.45 -3.81
CA SER A 414 1.84 -4.53 -3.22
C SER A 414 2.60 -3.33 -2.71
N LEU A 415 1.92 -2.21 -2.55
CA LEU A 415 2.52 -1.01 -2.03
C LEU A 415 2.09 -0.82 -0.59
N TYR A 416 2.97 -1.10 0.37
CA TYR A 416 2.61 -1.01 1.78
C TYR A 416 2.99 0.35 2.26
N VAL A 417 2.00 1.12 2.71
CA VAL A 417 2.22 2.49 3.15
C VAL A 417 1.95 2.67 4.64
N ASN A 418 3.01 2.78 5.42
CA ASN A 418 2.94 2.93 6.87
C ASN A 418 4.09 3.86 7.19
N LYS A 419 3.77 5.17 7.33
CA LYS A 419 4.73 6.26 7.53
C LYS A 419 5.50 6.52 6.22
N HIS A 420 6.03 5.47 5.59
CA HIS A 420 6.71 5.56 4.32
C HIS A 420 6.08 4.56 3.34
N ALA A 421 6.31 4.76 2.03
CA ALA A 421 5.79 3.84 1.03
C ALA A 421 6.85 2.79 0.67
N PHE A 422 6.48 1.50 0.69
CA PHE A 422 7.39 0.41 0.37
C PHE A 422 6.74 -0.53 -0.60
N HIS A 423 7.13 -0.50 -1.88
CA HIS A 423 6.61 -1.47 -2.83
C HIS A 423 7.33 -2.77 -2.50
N THR A 424 6.57 -3.85 -2.26
CA THR A 424 7.09 -5.13 -1.82
C THR A 424 6.85 -6.20 -2.89
N PRO A 425 7.89 -6.98 -3.26
CA PRO A 425 7.68 -8.04 -4.26
C PRO A 425 6.66 -9.10 -3.81
N ALA A 426 5.96 -9.69 -4.76
CA ALA A 426 4.94 -10.68 -4.48
C ALA A 426 5.35 -11.76 -3.48
N PHE A 427 4.46 -12.03 -2.51
CA PHE A 427 4.66 -13.08 -1.54
C PHE A 427 4.67 -14.42 -2.28
N ASP A 428 5.67 -15.24 -2.02
CA ASP A 428 5.84 -16.53 -2.66
C ASP A 428 6.16 -17.58 -1.58
N LYS A 429 5.30 -18.61 -1.45
CA LYS A 429 5.44 -19.66 -0.43
C LYS A 429 6.70 -20.48 -0.57
N SER A 430 7.21 -20.64 -1.81
CA SER A 430 8.42 -21.41 -2.07
C SER A 430 9.68 -20.78 -1.48
N ALA A 431 9.63 -19.49 -1.07
CA ALA A 431 10.80 -18.87 -0.43
C ALA A 431 11.08 -19.51 0.97
N PHE A 432 10.04 -20.09 1.59
CA PHE A 432 10.13 -20.68 2.93
C PHE A 432 10.28 -22.21 2.96
N VAL A 433 10.74 -22.86 1.85
CA VAL A 433 10.86 -24.33 1.83
C VAL A 433 11.84 -24.93 2.85
N ASN A 434 12.91 -24.22 3.22
CA ASN A 434 13.85 -24.76 4.22
C ASN A 434 13.43 -24.46 5.68
N LEU A 435 12.31 -23.78 5.89
CA LEU A 435 11.87 -23.35 7.20
C LEU A 435 10.43 -23.88 7.52
N LYS A 436 9.93 -23.53 8.69
CA LYS A 436 8.56 -23.84 9.08
C LYS A 436 7.91 -22.54 9.63
N GLN A 437 6.58 -22.54 9.77
CA GLN A 437 5.89 -21.39 10.35
C GLN A 437 6.28 -21.29 11.83
N LEU A 438 6.52 -20.07 12.31
CA LEU A 438 6.90 -19.87 13.70
C LEU A 438 5.59 -19.91 14.51
N PRO A 439 5.49 -20.86 15.44
CA PRO A 439 4.28 -20.92 16.27
C PRO A 439 4.23 -19.77 17.27
N PHE A 440 3.01 -19.37 17.66
CA PHE A 440 2.85 -18.35 18.70
C PHE A 440 3.36 -18.91 20.03
N PHE A 441 4.04 -18.04 20.79
CA PHE A 441 4.50 -18.31 22.13
C PHE A 441 4.86 -16.98 22.80
N TYR A 442 4.82 -16.96 24.12
CA TYR A 442 5.21 -15.81 24.93
C TYR A 442 6.26 -16.31 25.88
N TYR A 443 7.43 -15.68 25.90
CA TYR A 443 8.48 -16.11 26.83
C TYR A 443 8.83 -14.93 27.70
N SER A 444 9.03 -15.16 29.00
CA SER A 444 9.50 -14.16 29.93
C SER A 444 10.30 -14.79 31.08
N ASP A 445 11.43 -14.17 31.37
CA ASP A 445 12.27 -14.51 32.51
C ASP A 445 12.24 -13.39 33.58
N SER A 446 11.32 -12.41 33.47
CA SER A 446 11.18 -11.33 34.43
C SER A 446 10.58 -11.88 35.73
N PRO A 447 10.90 -11.26 36.88
CA PRO A 447 10.34 -11.78 38.14
C PRO A 447 8.81 -11.68 38.18
N CYS A 448 8.17 -12.64 38.85
CA CYS A 448 6.73 -12.67 38.99
C CYS A 448 6.37 -11.63 40.04
N GLU A 449 5.95 -10.44 39.62
CA GLU A 449 5.62 -9.36 40.54
C GLU A 449 4.66 -8.38 39.86
N SER A 450 3.43 -8.31 40.41
CA SER A 450 2.30 -7.52 39.90
C SER A 450 2.56 -6.00 39.70
N HIS A 451 2.80 -5.23 40.80
CA HIS A 451 3.03 -3.77 40.75
C HIS A 451 1.81 -2.95 40.24
N GLY A 452 1.69 -1.72 40.73
CA GLY A 452 0.61 -0.81 40.33
C GLY A 452 -0.77 -1.21 40.82
N ILE A 459 -8.76 -2.42 34.59
CA ILE A 459 -8.05 -3.68 34.40
C ILE A 459 -8.23 -4.59 35.60
N ASP A 460 -8.84 -5.78 35.40
CA ASP A 460 -9.06 -6.72 36.50
C ASP A 460 -8.42 -8.12 36.19
N TYR A 461 -8.95 -9.26 36.73
CA TYR A 461 -8.32 -10.56 36.50
C TYR A 461 -9.27 -11.77 36.38
N VAL A 462 -8.92 -12.65 35.43
CA VAL A 462 -9.50 -13.97 35.14
C VAL A 462 -8.27 -14.87 34.98
N PRO A 463 -8.14 -15.95 35.77
CA PRO A 463 -6.92 -16.78 35.70
C PRO A 463 -6.52 -17.26 34.30
N LEU A 464 -5.24 -17.06 33.94
CA LEU A 464 -4.76 -17.49 32.63
C LEU A 464 -4.29 -18.93 32.64
N LYS A 465 -4.81 -19.73 31.70
CA LYS A 465 -4.35 -21.10 31.53
C LYS A 465 -3.91 -21.23 30.07
N SER A 466 -2.61 -21.49 29.85
CA SER A 466 -2.09 -21.61 28.50
C SER A 466 -0.80 -22.40 28.45
N ALA A 467 -0.70 -23.33 27.51
CA ALA A 467 0.55 -24.07 27.30
C ALA A 467 1.66 -23.15 26.67
N THR A 468 1.27 -22.00 26.08
CA THR A 468 2.22 -21.12 25.39
C THR A 468 2.70 -19.92 26.22
N CYS A 469 2.46 -19.92 27.54
CA CYS A 469 2.95 -18.86 28.42
C CYS A 469 4.18 -19.46 29.05
N ILE A 470 5.34 -19.22 28.46
CA ILE A 470 6.59 -19.81 28.90
C ILE A 470 7.24 -18.93 29.98
N THR A 471 6.79 -19.16 31.23
CA THR A 471 7.24 -18.43 32.41
C THR A 471 7.52 -19.41 33.57
N ARG A 472 8.28 -18.95 34.59
CA ARG A 472 8.60 -19.73 35.79
C ARG A 472 7.31 -20.10 36.54
N CYS A 473 6.35 -19.15 36.61
CA CYS A 473 5.08 -19.35 37.30
C CYS A 473 4.28 -20.44 36.63
N ASN A 474 4.30 -20.50 35.29
CA ASN A 474 3.58 -21.55 34.56
C ASN A 474 4.26 -22.92 34.67
N LEU A 475 5.60 -22.92 34.79
CA LEU A 475 6.38 -24.13 34.98
C LEU A 475 6.01 -24.74 36.35
N GLY A 476 5.91 -23.89 37.37
CA GLY A 476 5.52 -24.30 38.69
C GLY A 476 4.02 -24.33 38.91
N GLY A 477 3.25 -24.54 37.84
CA GLY A 477 1.80 -24.63 37.92
C GLY A 477 0.96 -23.45 37.48
N ALA A 478 0.75 -22.47 38.40
CA ALA A 478 -0.14 -21.31 38.24
C ALA A 478 0.50 -20.00 37.70
N VAL A 479 -0.04 -19.45 36.60
CA VAL A 479 0.43 -18.18 36.02
C VAL A 479 0.11 -16.99 36.95
N CYS A 480 1.13 -16.21 37.32
CA CYS A 480 0.98 -15.02 38.14
C CYS A 480 0.24 -13.90 37.37
N ARG A 481 -0.34 -12.93 38.09
CA ARG A 481 -1.07 -11.83 37.48
C ARG A 481 -0.22 -11.02 36.50
N HIS A 482 1.01 -10.66 36.88
CA HIS A 482 1.91 -9.91 36.02
C HIS A 482 2.17 -10.61 34.67
N HIS A 483 2.58 -11.89 34.70
CA HIS A 483 2.85 -12.60 33.46
C HIS A 483 1.57 -12.87 32.66
N ALA A 484 0.40 -12.95 33.32
CA ALA A 484 -0.87 -13.12 32.61
C ALA A 484 -1.21 -11.82 31.86
N ASN A 485 -0.97 -10.66 32.50
CA ASN A 485 -1.22 -9.34 31.89
C ASN A 485 -0.31 -9.14 30.69
N GLU A 486 0.99 -9.47 30.86
CA GLU A 486 2.00 -9.33 29.81
C GLU A 486 1.75 -10.29 28.68
N TYR A 487 1.26 -11.52 28.98
CA TYR A 487 0.93 -12.52 27.97
C TYR A 487 -0.20 -11.99 27.10
N ARG A 488 -1.26 -11.42 27.73
CA ARG A 488 -2.40 -10.91 26.98
C ARG A 488 -2.06 -9.71 26.12
N LEU A 489 -1.20 -8.81 26.62
CA LEU A 489 -0.75 -7.67 25.85
C LEU A 489 0.10 -8.15 24.65
N TYR A 490 0.99 -9.12 24.90
CA TYR A 490 1.82 -9.70 23.86
C TYR A 490 0.99 -10.40 22.80
N LEU A 491 -0.02 -11.17 23.20
CA LEU A 491 -0.90 -11.85 22.26
C LEU A 491 -1.63 -10.84 21.36
N ASP A 492 -2.08 -9.72 21.96
CA ASP A 492 -2.74 -8.67 21.19
C ASP A 492 -1.79 -8.05 20.19
N ALA A 493 -0.53 -7.78 20.59
CA ALA A 493 0.48 -7.21 19.70
C ALA A 493 0.75 -8.18 18.53
N TYR A 494 0.95 -9.45 18.84
CA TYR A 494 1.19 -10.50 17.89
C TYR A 494 0.06 -10.60 16.87
N ASN A 495 -1.22 -10.65 17.34
CA ASN A 495 -2.38 -10.77 16.45
C ASN A 495 -2.49 -9.51 15.55
N MET A 496 -2.13 -8.34 16.08
CA MET A 496 -2.16 -7.09 15.34
C MET A 496 -1.18 -7.18 14.15
N MET A 497 0.07 -7.57 14.41
CA MET A 497 1.12 -7.71 13.42
C MET A 497 0.78 -8.76 12.35
N ILE A 498 0.19 -9.89 12.75
CA ILE A 498 -0.18 -10.96 11.83
C ILE A 498 -1.27 -10.46 10.91
N SER A 499 -2.30 -9.83 11.49
CA SER A 499 -3.42 -9.32 10.73
C SER A 499 -3.01 -8.15 9.80
N ALA A 500 -1.95 -7.38 10.14
CA ALA A 500 -1.39 -6.36 9.26
C ALA A 500 -0.76 -6.99 7.97
N GLY A 501 -0.49 -8.31 7.98
CA GLY A 501 0.05 -9.01 6.82
C GLY A 501 1.42 -9.63 7.00
N PHE A 502 2.07 -9.44 8.16
CA PHE A 502 3.37 -10.02 8.40
C PHE A 502 3.25 -11.50 8.71
N SER A 503 4.20 -12.30 8.21
CA SER A 503 4.25 -13.74 8.45
C SER A 503 5.63 -14.10 9.01
N LEU A 504 5.67 -15.01 9.96
CA LEU A 504 6.90 -15.41 10.64
C LEU A 504 7.29 -16.83 10.37
N TRP A 505 8.58 -17.05 10.14
CA TRP A 505 9.13 -18.34 9.77
C TRP A 505 10.42 -18.58 10.54
N VAL A 506 10.72 -19.85 10.82
CA VAL A 506 11.89 -20.19 11.62
C VAL A 506 12.54 -21.51 11.17
N TYR A 507 13.81 -21.72 11.56
CA TYR A 507 14.54 -22.95 11.29
C TYR A 507 13.76 -24.15 11.91
N LYS A 508 13.70 -25.29 11.17
CA LYS A 508 12.91 -26.45 11.60
C LYS A 508 13.23 -27.00 13.02
N GLN A 509 14.47 -26.86 13.51
CA GLN A 509 14.82 -27.32 14.85
C GLN A 509 14.25 -26.45 15.98
N PHE A 510 13.66 -25.27 15.67
CA PHE A 510 13.10 -24.41 16.72
C PHE A 510 12.04 -25.15 17.57
N ASP A 511 12.28 -25.24 18.87
CA ASP A 511 11.39 -25.93 19.79
C ASP A 511 11.29 -25.13 21.08
N THR A 512 10.10 -24.60 21.39
CA THR A 512 9.88 -23.85 22.64
C THR A 512 10.03 -24.75 23.90
N TYR A 513 10.02 -26.09 23.75
CA TYR A 513 10.28 -27.00 24.87
C TYR A 513 11.68 -26.73 25.45
N ASN A 514 12.63 -26.26 24.61
CA ASN A 514 13.98 -25.92 25.05
C ASN A 514 14.04 -24.64 25.92
N LEU A 515 12.95 -23.87 26.01
CA LEU A 515 12.92 -22.67 26.83
C LEU A 515 12.61 -22.90 28.32
N TRP A 516 11.95 -24.00 28.64
CA TRP A 516 11.60 -24.31 30.03
C TRP A 516 12.86 -24.49 30.91
N ASN A 517 13.95 -25.05 30.34
CA ASN A 517 15.18 -25.25 31.12
C ASN A 517 15.98 -23.96 31.36
N THR A 518 15.55 -22.81 30.80
CA THR A 518 16.18 -21.54 31.16
C THR A 518 15.66 -21.06 32.57
N PHE A 519 14.78 -21.86 33.23
CA PHE A 519 14.23 -21.64 34.56
C PHE A 519 14.70 -22.82 35.43
N THR A 520 15.85 -22.66 36.11
CA THR A 520 16.41 -23.73 36.95
C THR A 520 16.94 -23.19 38.28
ZN ZN B . 0.23 -4.56 -13.85
ZN ZN C . 4.95 -15.07 36.72
ZN ZN D . -17.67 14.79 6.40
P PO4 E . -3.72 11.98 1.61
O1 PO4 E . -5.00 11.95 2.50
O2 PO4 E . -2.65 10.91 2.15
O3 PO4 E . -3.09 13.45 1.73
O4 PO4 E . -4.05 11.57 0.09
P PO4 F . 7.93 -9.01 30.63
O1 PO4 F . 7.10 -9.55 31.84
O2 PO4 F . 9.10 -10.02 30.25
O3 PO4 F . 6.97 -8.84 29.35
O4 PO4 F . 8.55 -7.61 31.08
N1 LO6 G . -31.09 13.66 -10.43
C4 LO6 G . -31.97 12.49 -10.28
C5 LO6 G . -31.27 11.32 -9.62
C6 LO6 G . -30.83 10.27 -10.62
C7 LO6 G . -31.07 14.28 -11.63
C8 LO6 G . -30.63 15.72 -11.71
C1 LO6 G . -29.05 13.16 -7.31
C2 LO6 G . -30.25 12.98 -8.20
C3 LO6 G . -30.41 14.11 -9.20
O1 LO6 G . -30.09 11.74 -8.90
O2 LO6 G . -31.47 13.74 -12.67
O3 LO6 G . -29.27 15.85 -12.07
C9 LO6 G . -28.90 17.16 -12.48
F1 LO6 G . -29.12 18.07 -11.54
F2 LO6 G . -27.60 17.25 -12.72
#